data_2H9V
#
_entry.id   2H9V
#
_cell.length_a   90.781
_cell.length_b   90.781
_cell.length_c   341.279
_cell.angle_alpha   90.00
_cell.angle_beta   90.00
_cell.angle_gamma   120.00
#
_symmetry.space_group_name_H-M   'P 62 2 2'
#
loop_
_entity.id
_entity.type
_entity.pdbx_description
1 polymer 'Rho-associated protein kinase 2'
2 non-polymer '(R)-TRANS-4-(1-AMINOETHYL)-N-(4-PYRIDYL) CYCLOHEXANECARBOXAMIDE'
3 water water
#
_entity_poly.entity_id   1
_entity_poly.type   'polypeptide(L)'
_entity_poly.pdbx_seq_one_letter_code
;GASGDGAGASRQRKLEALIRDPRSPINVESLLDGLNSLVLDLDFPALRKNKNIDNFLNRYEKIVKKIRGLQMKAEDYDVV
KVIGRGAFGEVQLVRHKASQKVYAMKLLSKFEMIKRSDSAFFWEERDIMAFANSPWVVQLFCAFQDDKYLYMVMEYMPGG
DLVNLMSNYDVPEKWAKFYTAEVVLALDAIHSMGLIHRDVKPDNMLLDKHGHLKLADFGTCMKMDETGMVHCDTAVGTPD
YISPEVLKSQGGDGYYGRECDWWSVGVFLFEMLVGDTPFYADSLVGTYSKIMDHKNSLCFPEDAEISKHAKNLICAFLTD
REVRLGRNGVEEIKQHPFFKNDQWNWDNIRETAAPVVPELSSDIDSSNFDDIEDDKGDVETFPIPKAFVGNQLPFIGFTY
YR
;
_entity_poly.pdbx_strand_id   A
#
# COMPACT_ATOMS: atom_id res chain seq x y z
N SER A 10 -1.32 -35.50 18.40
CA SER A 10 -2.67 -35.53 19.02
C SER A 10 -3.58 -34.46 18.41
N ARG A 11 -4.89 -34.61 18.62
CA ARG A 11 -5.85 -33.56 18.32
C ARG A 11 -5.43 -32.31 19.09
N GLN A 12 -4.97 -32.50 20.32
CA GLN A 12 -4.65 -31.42 21.22
C GLN A 12 -3.49 -30.52 20.76
N ARG A 13 -2.47 -31.10 20.16
CA ARG A 13 -1.36 -30.27 19.65
C ARG A 13 -1.81 -29.49 18.45
N LYS A 14 -2.46 -30.20 17.52
CA LYS A 14 -3.03 -29.63 16.30
C LYS A 14 -3.71 -28.29 16.56
N LEU A 15 -4.45 -28.24 17.65
CA LEU A 15 -5.01 -27.00 18.15
C LEU A 15 -3.95 -25.96 18.42
N GLU A 16 -3.11 -26.21 19.39
CA GLU A 16 -2.11 -25.25 19.77
C GLU A 16 -1.28 -24.71 18.59
N ALA A 17 -1.15 -25.54 17.55
CA ALA A 17 -0.60 -25.10 16.27
C ALA A 17 -1.27 -23.80 15.81
N LEU A 18 -2.56 -23.91 15.47
CA LEU A 18 -3.34 -22.81 14.94
C LEU A 18 -3.39 -21.61 15.83
N ILE A 19 -3.42 -21.82 17.13
CA ILE A 19 -3.55 -20.66 18.01
C ILE A 19 -2.26 -19.84 18.00
N ARG A 20 -1.17 -20.51 17.64
CA ARG A 20 0.12 -19.85 17.64
C ARG A 20 0.47 -19.31 16.27
N ASP A 21 0.30 -20.14 15.22
CA ASP A 21 0.49 -19.73 13.82
C ASP A 21 0.01 -18.29 13.53
N PRO A 22 0.95 -17.36 13.23
CA PRO A 22 0.57 -15.93 13.11
C PRO A 22 -0.19 -15.68 11.83
N ARG A 23 -0.20 -16.69 10.96
CA ARG A 23 -0.95 -16.66 9.72
C ARG A 23 -2.34 -17.28 9.90
N SER A 24 -2.57 -17.94 11.02
CA SER A 24 -3.90 -18.49 11.30
C SER A 24 -4.86 -17.37 11.65
N PRO A 25 -6.08 -17.45 11.10
CA PRO A 25 -7.19 -16.52 11.41
C PRO A 25 -7.69 -16.61 12.87
N ILE A 26 -7.24 -17.62 13.61
CA ILE A 26 -7.58 -17.70 15.02
C ILE A 26 -6.35 -17.91 15.90
N ASN A 27 -5.31 -17.15 15.63
CA ASN A 27 -4.21 -17.07 16.57
C ASN A 27 -4.69 -16.26 17.76
N VAL A 28 -3.86 -16.18 18.79
CA VAL A 28 -4.21 -15.43 19.98
C VAL A 28 -4.77 -14.02 19.73
N GLU A 29 -4.17 -13.27 18.82
CA GLU A 29 -4.62 -11.88 18.61
C GLU A 29 -6.01 -11.86 18.12
N SER A 30 -6.31 -12.72 17.14
CA SER A 30 -7.67 -12.90 16.69
C SER A 30 -8.57 -12.96 17.89
N LEU A 31 -8.42 -14.01 18.69
CA LEU A 31 -9.30 -14.21 19.81
C LEU A 31 -9.36 -13.02 20.74
N LEU A 32 -8.21 -12.48 21.08
CA LEU A 32 -8.18 -11.34 21.95
C LEU A 32 -8.84 -10.12 21.33
N ASP A 33 -8.68 -9.96 20.01
CA ASP A 33 -9.45 -8.97 19.27
C ASP A 33 -10.94 -9.36 19.46
N GLY A 34 -11.26 -10.60 19.07
CA GLY A 34 -12.58 -11.19 19.28
C GLY A 34 -13.18 -10.76 20.59
N LEU A 35 -12.75 -11.35 21.69
CA LEU A 35 -13.25 -10.91 22.98
C LEU A 35 -13.27 -9.39 23.09
N ASN A 36 -12.19 -8.73 22.73
CA ASN A 36 -12.18 -7.31 22.98
C ASN A 36 -13.27 -6.48 22.25
N SER A 37 -13.52 -6.81 20.99
CA SER A 37 -14.50 -6.07 20.20
C SER A 37 -15.91 -6.30 20.73
N LEU A 38 -16.21 -7.56 21.02
CA LEU A 38 -17.45 -7.94 21.68
C LEU A 38 -17.80 -7.13 22.90
N VAL A 39 -16.83 -6.84 23.76
CA VAL A 39 -17.05 -5.89 24.83
C VAL A 39 -17.58 -4.59 24.26
N LEU A 40 -16.79 -3.98 23.38
CA LEU A 40 -17.07 -2.64 22.89
C LEU A 40 -18.45 -2.53 22.25
N ASP A 41 -18.71 -3.45 21.33
CA ASP A 41 -19.97 -3.53 20.61
C ASP A 41 -21.19 -3.93 21.47
N LEU A 42 -20.98 -4.09 22.78
CA LEU A 42 -22.05 -4.52 23.68
C LEU A 42 -22.21 -3.61 24.87
N ASP A 43 -21.20 -2.82 25.15
CA ASP A 43 -21.23 -2.10 26.38
C ASP A 43 -21.98 -0.77 26.31
N PHE A 44 -23.30 -0.85 26.18
CA PHE A 44 -24.16 0.36 26.15
C PHE A 44 -25.42 0.18 27.01
N PRO A 45 -25.72 1.18 27.89
CA PRO A 45 -26.89 1.11 28.80
C PRO A 45 -28.09 0.54 28.04
N ALA A 46 -28.18 0.97 26.77
CA ALA A 46 -29.13 0.47 25.80
C ALA A 46 -29.31 -1.07 25.77
N LEU A 47 -28.28 -1.84 25.39
CA LEU A 47 -28.51 -3.29 25.26
C LEU A 47 -28.12 -4.09 26.50
N ARG A 48 -27.37 -3.46 27.41
CA ARG A 48 -27.14 -3.98 28.75
C ARG A 48 -28.47 -4.28 29.48
N LYS A 49 -29.57 -3.84 28.87
CA LYS A 49 -30.91 -4.16 29.35
C LYS A 49 -31.13 -5.67 29.20
N ASN A 50 -30.74 -6.21 28.04
CA ASN A 50 -30.71 -7.65 27.83
C ASN A 50 -29.92 -8.37 28.93
N LYS A 51 -30.54 -9.44 29.42
CA LYS A 51 -30.07 -10.23 30.54
C LYS A 51 -28.62 -10.69 30.31
N ASN A 52 -28.44 -11.61 29.35
CA ASN A 52 -27.16 -12.16 28.96
C ASN A 52 -26.06 -11.11 28.86
N ILE A 53 -26.36 -10.09 28.07
CA ILE A 53 -25.41 -9.06 27.72
C ILE A 53 -24.89 -8.34 28.95
N ASP A 54 -25.77 -8.05 29.89
CA ASP A 54 -25.32 -7.40 31.10
C ASP A 54 -24.38 -8.31 31.86
N ASN A 55 -24.88 -9.48 32.28
CA ASN A 55 -24.12 -10.43 33.11
C ASN A 55 -22.67 -10.59 32.61
N PHE A 56 -22.62 -11.11 31.39
CA PHE A 56 -21.41 -11.22 30.63
C PHE A 56 -20.48 -10.04 30.85
N LEU A 57 -20.96 -8.83 30.53
CA LEU A 57 -20.10 -7.65 30.59
C LEU A 57 -19.57 -7.35 31.98
N ASN A 58 -20.32 -7.68 33.02
CA ASN A 58 -19.86 -7.35 34.34
C ASN A 58 -18.85 -8.36 34.77
N ARG A 59 -18.99 -9.57 34.24
CA ARG A 59 -17.99 -10.61 34.48
C ARG A 59 -16.64 -10.08 33.98
N TYR A 60 -16.39 -10.22 32.68
CA TYR A 60 -15.10 -9.88 32.09
C TYR A 60 -14.57 -8.45 32.34
N GLU A 61 -15.50 -7.51 32.47
CA GLU A 61 -15.24 -6.19 33.04
C GLU A 61 -13.82 -5.94 33.51
N LYS A 62 -13.49 -6.54 34.66
CA LYS A 62 -12.23 -6.26 35.34
C LYS A 62 -11.01 -6.68 34.51
N ILE A 63 -11.01 -7.95 34.10
CA ILE A 63 -9.87 -8.59 33.44
C ILE A 63 -9.47 -7.90 32.13
N VAL A 64 -10.49 -7.54 31.35
CA VAL A 64 -10.33 -6.88 30.07
C VAL A 64 -9.57 -5.56 30.21
N LYS A 65 -9.72 -4.89 31.36
CA LYS A 65 -8.99 -3.63 31.63
C LYS A 65 -7.51 -3.89 31.84
N LYS A 66 -7.19 -4.91 32.64
CA LYS A 66 -5.80 -5.32 32.84
C LYS A 66 -5.16 -5.69 31.51
N ILE A 67 -5.86 -6.49 30.70
CA ILE A 67 -5.43 -6.79 29.34
C ILE A 67 -5.20 -5.53 28.48
N ARG A 68 -6.24 -4.71 28.31
CA ARG A 68 -6.13 -3.46 27.54
C ARG A 68 -4.84 -2.71 27.91
N GLY A 69 -4.43 -2.82 29.18
CA GLY A 69 -3.23 -2.16 29.66
C GLY A 69 -1.94 -2.85 29.21
N LEU A 70 -1.98 -4.18 29.19
CA LEU A 70 -0.79 -4.98 28.87
C LEU A 70 -0.43 -5.01 27.40
N GLN A 71 -1.45 -4.94 26.54
CA GLN A 71 -1.25 -4.98 25.11
C GLN A 71 -0.56 -3.75 24.58
N MET A 72 -0.27 -3.84 23.29
CA MET A 72 0.32 -2.76 22.51
C MET A 72 -0.59 -1.53 22.57
N LYS A 73 -0.03 -0.35 22.76
CA LYS A 73 -0.86 0.84 22.89
C LYS A 73 -0.18 2.00 22.24
N ALA A 74 -0.95 2.81 21.52
CA ALA A 74 -0.48 4.11 21.08
C ALA A 74 0.58 4.67 22.02
N GLU A 75 0.32 4.54 23.31
CA GLU A 75 1.16 5.12 24.36
C GLU A 75 2.59 4.62 24.39
N ASP A 76 2.79 3.40 23.90
CA ASP A 76 4.10 2.80 23.85
C ASP A 76 5.08 3.57 22.95
N TYR A 77 4.56 4.57 22.24
CA TYR A 77 5.34 5.32 21.27
C TYR A 77 5.29 6.82 21.52
N ASP A 78 6.29 7.53 21.03
CA ASP A 78 6.32 9.01 20.98
C ASP A 78 6.21 9.52 19.57
N VAL A 79 5.45 10.61 19.39
CA VAL A 79 5.31 11.15 18.04
C VAL A 79 6.40 12.16 17.82
N VAL A 80 7.31 11.82 16.94
CA VAL A 80 8.34 12.76 16.54
C VAL A 80 7.72 13.85 15.66
N LYS A 81 6.92 13.45 14.67
CA LYS A 81 6.07 14.37 13.90
C LYS A 81 5.31 13.67 12.80
N VAL A 82 4.23 14.32 12.38
CA VAL A 82 3.40 13.82 11.31
C VAL A 82 4.13 14.08 10.03
N ILE A 83 4.29 13.03 9.23
CA ILE A 83 5.04 13.19 7.99
C ILE A 83 4.18 12.94 6.78
N GLY A 84 2.93 12.56 7.00
CA GLY A 84 2.02 12.37 5.90
C GLY A 84 0.67 12.36 6.53
N ARG A 85 -0.18 13.29 6.10
CA ARG A 85 -1.61 13.20 6.39
C ARG A 85 -2.44 13.33 5.13
N GLY A 86 -3.65 12.81 5.15
CA GLY A 86 -4.58 13.16 4.12
C GLY A 86 -5.79 12.28 4.17
N ALA A 87 -6.54 12.30 3.06
CA ALA A 87 -7.62 11.35 2.83
C ALA A 87 -6.99 9.93 2.90
N PHE A 88 -6.93 9.42 4.14
CA PHE A 88 -6.59 8.04 4.53
C PHE A 88 -6.62 8.00 6.07
N GLY A 89 -5.77 8.83 6.65
CA GLY A 89 -5.55 8.92 8.07
C GLY A 89 -4.23 9.64 8.11
N GLU A 90 -3.20 8.98 8.60
CA GLU A 90 -1.98 9.66 8.96
C GLU A 90 -0.74 8.80 9.08
N VAL A 91 0.40 9.39 8.75
CA VAL A 91 1.66 8.74 9.03
C VAL A 91 2.47 9.63 9.95
N GLN A 92 2.91 9.03 11.04
CA GLN A 92 3.78 9.72 11.96
C GLN A 92 5.12 9.01 12.16
N LEU A 93 6.17 9.83 12.28
CA LEU A 93 7.45 9.38 12.76
C LEU A 93 7.34 9.20 14.25
N VAL A 94 7.61 7.97 14.68
CA VAL A 94 7.47 7.63 16.08
C VAL A 94 8.71 6.97 16.65
N ARG A 95 8.88 7.11 17.96
CA ARG A 95 9.95 6.44 18.67
C ARG A 95 9.38 5.48 19.70
N HIS A 96 9.66 4.19 19.50
CA HIS A 96 9.31 3.18 20.47
C HIS A 96 9.95 3.55 21.78
N LYS A 97 9.12 3.83 22.77
CA LYS A 97 9.62 4.31 24.06
C LYS A 97 10.65 3.38 24.71
N ALA A 98 10.28 2.12 24.89
CA ALA A 98 11.17 1.10 25.48
C ALA A 98 12.40 0.81 24.62
N SER A 99 12.23 0.45 23.34
CA SER A 99 13.39 0.10 22.52
C SER A 99 14.24 1.32 22.09
N GLN A 100 13.78 2.54 22.39
CA GLN A 100 14.42 3.76 21.89
C GLN A 100 14.46 3.88 20.38
N LYS A 101 13.91 2.89 19.67
CA LYS A 101 14.03 2.78 18.21
C LYS A 101 12.95 3.54 17.41
N VAL A 102 13.24 3.78 16.12
CA VAL A 102 12.44 4.71 15.31
C VAL A 102 11.67 4.03 14.18
N TYR A 103 10.37 4.29 14.12
CA TYR A 103 9.47 3.66 13.14
C TYR A 103 8.55 4.69 12.51
N ALA A 104 7.92 4.30 11.43
CA ALA A 104 6.82 5.07 10.90
C ALA A 104 5.55 4.33 11.28
N MET A 105 4.56 5.10 11.74
CA MET A 105 3.30 4.52 12.16
C MET A 105 2.17 5.12 11.39
N LYS A 106 1.31 4.27 10.86
CA LYS A 106 0.12 4.71 10.12
C LYS A 106 -1.07 4.65 11.04
N LEU A 107 -1.93 5.66 10.96
CA LEU A 107 -3.19 5.67 11.71
C LEU A 107 -4.38 5.63 10.74
N LEU A 108 -5.25 4.64 10.89
CA LEU A 108 -6.43 4.57 10.06
C LEU A 108 -7.69 4.75 10.87
N SER A 109 -8.55 5.66 10.41
CA SER A 109 -9.88 5.80 10.95
C SER A 109 -10.64 4.53 10.66
N LYS A 110 -11.03 3.90 11.76
CA LYS A 110 -11.96 2.79 11.71
C LYS A 110 -13.24 3.34 11.09
N PHE A 111 -13.73 4.49 11.63
CA PHE A 111 -14.99 5.03 11.13
C PHE A 111 -15.00 5.05 9.60
N GLU A 112 -14.10 5.80 9.00
CA GLU A 112 -13.91 5.72 7.57
C GLU A 112 -13.89 4.27 7.12
N MET A 113 -12.76 3.65 7.39
CA MET A 113 -12.32 2.34 6.91
C MET A 113 -13.36 1.38 6.25
N ILE A 114 -14.49 1.17 6.89
CA ILE A 114 -15.53 0.28 6.37
C ILE A 114 -16.62 1.10 5.73
N LYS A 115 -17.25 1.90 6.60
CA LYS A 115 -18.49 2.60 6.30
C LYS A 115 -18.39 3.37 5.00
N ARG A 116 -17.36 4.21 4.88
CA ARG A 116 -17.10 4.77 3.59
C ARG A 116 -16.42 3.69 2.76
N SER A 117 -15.12 3.47 2.95
CA SER A 117 -14.39 2.58 2.05
C SER A 117 -14.90 1.13 2.00
N ASP A 118 -15.47 0.81 0.85
CA ASP A 118 -15.90 -0.52 0.49
C ASP A 118 -14.68 -1.24 -0.12
N SER A 119 -13.76 -0.46 -0.70
CA SER A 119 -12.57 -0.98 -1.39
C SER A 119 -11.21 -0.36 -0.92
N ALA A 120 -10.89 -0.53 0.37
CA ALA A 120 -9.55 -0.24 0.97
C ALA A 120 -9.10 -1.37 1.89
N PHE A 121 -8.99 -2.57 1.32
CA PHE A 121 -8.77 -3.75 2.12
C PHE A 121 -7.45 -3.70 2.86
N PHE A 122 -7.54 -3.23 4.10
CA PHE A 122 -6.43 -3.31 5.01
C PHE A 122 -5.95 -4.76 5.14
N TRP A 123 -6.89 -5.71 5.11
CA TRP A 123 -6.54 -7.12 5.17
C TRP A 123 -5.40 -7.49 4.29
N GLU A 124 -5.55 -7.10 3.03
CA GLU A 124 -4.57 -7.40 2.05
C GLU A 124 -3.29 -6.71 2.45
N GLU A 125 -3.38 -5.41 2.73
CA GLU A 125 -2.23 -4.61 3.12
C GLU A 125 -1.45 -5.26 4.25
N ARG A 126 -2.15 -5.55 5.34
CA ARG A 126 -1.59 -6.17 6.53
C ARG A 126 -0.72 -7.37 6.17
N ASP A 127 -1.34 -8.36 5.54
CA ASP A 127 -0.67 -9.58 5.21
C ASP A 127 0.55 -9.32 4.38
N ILE A 128 0.42 -8.55 3.31
CA ILE A 128 1.57 -8.15 2.53
C ILE A 128 2.73 -7.60 3.37
N MET A 129 2.49 -6.57 4.17
CA MET A 129 3.61 -5.97 4.89
C MET A 129 4.13 -6.87 6.02
N ALA A 130 3.20 -7.53 6.70
CA ALA A 130 3.52 -8.59 7.64
C ALA A 130 4.35 -9.71 7.01
N PHE A 131 3.88 -10.29 5.93
CA PHE A 131 4.49 -11.54 5.46
C PHE A 131 5.09 -11.57 4.05
N ALA A 132 5.33 -10.42 3.45
CA ALA A 132 5.90 -10.49 2.11
C ALA A 132 7.33 -10.92 2.30
N ASN A 133 7.90 -10.38 3.38
CA ASN A 133 9.29 -10.57 3.69
C ASN A 133 10.11 -10.35 2.41
N SER A 134 9.96 -9.17 1.80
CA SER A 134 10.61 -8.84 0.54
C SER A 134 11.30 -7.49 0.60
N PRO A 135 12.50 -7.42 0.07
CA PRO A 135 13.22 -6.17 0.04
C PRO A 135 12.46 -5.09 -0.75
N TRP A 136 11.37 -5.49 -1.40
CA TRP A 136 10.63 -4.57 -2.23
C TRP A 136 9.40 -3.95 -1.55
N VAL A 137 9.17 -4.33 -0.30
CA VAL A 137 7.90 -4.10 0.34
C VAL A 137 8.16 -3.57 1.71
N VAL A 138 7.69 -2.36 1.99
CA VAL A 138 7.85 -1.81 3.32
C VAL A 138 7.32 -2.80 4.33
N GLN A 139 7.97 -2.88 5.49
CA GLN A 139 7.67 -3.94 6.41
C GLN A 139 6.98 -3.51 7.68
N LEU A 140 6.10 -4.39 8.13
CA LEU A 140 5.22 -4.14 9.23
C LEU A 140 5.74 -4.91 10.38
N PHE A 141 6.10 -4.21 11.45
CA PHE A 141 6.58 -4.86 12.67
C PHE A 141 5.52 -5.22 13.67
N CYS A 142 4.42 -4.47 13.70
CA CYS A 142 3.27 -4.87 14.48
C CYS A 142 2.06 -3.96 14.22
N ALA A 143 0.88 -4.53 14.37
CA ALA A 143 -0.35 -3.81 14.21
C ALA A 143 -1.18 -3.88 15.46
N PHE A 144 -1.76 -2.77 15.85
CA PHE A 144 -2.77 -2.84 16.88
C PHE A 144 -3.93 -1.88 16.63
N GLN A 145 -5.05 -2.17 17.30
CA GLN A 145 -6.19 -1.27 17.25
C GLN A 145 -6.48 -0.63 18.60
N ASP A 146 -7.38 0.35 18.58
CA ASP A 146 -8.14 0.71 19.74
C ASP A 146 -9.55 0.97 19.20
N ASP A 147 -10.41 1.55 20.03
CA ASP A 147 -11.81 1.80 19.65
C ASP A 147 -11.91 2.57 18.34
N LYS A 148 -11.06 3.60 18.16
CA LYS A 148 -11.13 4.48 16.98
C LYS A 148 -10.27 4.10 15.79
N TYR A 149 -9.17 3.41 16.06
CA TYR A 149 -8.06 3.34 15.12
C TYR A 149 -7.34 2.04 14.88
N LEU A 150 -6.87 1.90 13.65
CA LEU A 150 -5.88 0.92 13.34
C LEU A 150 -4.53 1.61 13.39
N TYR A 151 -3.52 0.88 13.80
CA TYR A 151 -2.20 1.44 13.84
C TYR A 151 -1.25 0.50 13.21
N MET A 152 -0.40 1.00 12.34
CA MET A 152 0.57 0.12 11.70
C MET A 152 1.99 0.60 11.94
N VAL A 153 2.79 -0.27 12.55
CA VAL A 153 4.15 0.13 12.86
C VAL A 153 5.05 -0.46 11.79
N MET A 154 5.70 0.42 11.03
CA MET A 154 6.47 0.03 9.84
C MET A 154 7.78 0.75 9.72
N GLU A 155 8.67 0.17 8.95
CA GLU A 155 9.96 0.78 8.81
C GLU A 155 9.86 2.20 8.31
N TYR A 156 10.51 3.11 9.02
CA TYR A 156 10.66 4.44 8.52
C TYR A 156 11.46 4.48 7.22
N MET A 157 10.89 5.04 6.18
CA MET A 157 11.56 5.18 4.91
C MET A 157 12.02 6.59 4.78
N PRO A 158 13.27 6.87 5.19
CA PRO A 158 13.71 8.25 5.29
C PRO A 158 13.89 8.98 3.96
N GLY A 159 13.88 8.26 2.84
CA GLY A 159 14.10 8.85 1.52
C GLY A 159 12.97 9.71 0.93
N GLY A 160 11.76 9.59 1.49
CA GLY A 160 10.59 10.26 0.91
C GLY A 160 10.11 9.47 -0.29
N ASP A 161 9.04 9.96 -0.90
CA ASP A 161 8.44 9.27 -2.04
C ASP A 161 8.99 9.72 -3.40
N LEU A 162 8.58 9.03 -4.45
CA LEU A 162 8.97 9.43 -5.80
C LEU A 162 8.41 10.75 -6.28
N VAL A 163 7.21 11.11 -5.80
CA VAL A 163 6.63 12.40 -6.15
C VAL A 163 7.59 13.45 -5.67
N ASN A 164 7.98 13.36 -4.40
CA ASN A 164 8.97 14.26 -3.84
C ASN A 164 10.27 14.28 -4.64
N LEU A 165 10.83 13.11 -4.92
CA LEU A 165 12.04 13.03 -5.72
C LEU A 165 11.89 13.75 -7.04
N MET A 166 10.96 13.30 -7.88
CA MET A 166 10.70 13.91 -9.19
C MET A 166 10.51 15.40 -9.04
N SER A 167 9.81 15.76 -7.97
CA SER A 167 9.55 17.15 -7.67
C SER A 167 10.83 17.91 -7.50
N ASN A 168 11.91 17.24 -7.10
CA ASN A 168 13.13 17.98 -6.81
C ASN A 168 14.25 17.91 -7.83
N TYR A 169 14.19 16.99 -8.79
CA TYR A 169 15.28 16.85 -9.75
C TYR A 169 14.87 16.76 -11.19
N ASP A 170 15.80 17.06 -12.07
CA ASP A 170 15.68 16.64 -13.46
C ASP A 170 16.14 15.22 -13.53
N VAL A 171 15.22 14.31 -13.80
CA VAL A 171 15.57 12.90 -13.85
C VAL A 171 16.09 12.57 -15.24
N PRO A 172 17.39 12.32 -15.33
CA PRO A 172 17.95 11.81 -16.55
C PRO A 172 17.47 10.38 -16.78
N GLU A 173 17.69 9.87 -17.98
CA GLU A 173 17.29 8.53 -18.25
C GLU A 173 18.08 7.52 -17.45
N LYS A 174 19.36 7.81 -17.22
CA LYS A 174 20.18 6.89 -16.43
C LYS A 174 19.47 6.64 -15.08
N TRP A 175 18.98 7.71 -14.49
CA TRP A 175 18.23 7.60 -13.27
C TRP A 175 16.93 6.81 -13.44
N ALA A 176 16.10 7.26 -14.40
CA ALA A 176 14.82 6.69 -14.69
C ALA A 176 14.89 5.19 -14.89
N LYS A 177 15.86 4.74 -15.68
CA LYS A 177 16.09 3.31 -15.88
C LYS A 177 16.02 2.60 -14.54
N PHE A 178 16.73 3.20 -13.59
CA PHE A 178 16.86 2.62 -12.28
C PHE A 178 15.54 2.50 -11.54
N TYR A 179 14.81 3.60 -11.46
CA TYR A 179 13.59 3.57 -10.69
C TYR A 179 12.54 2.71 -11.30
N THR A 180 12.43 2.80 -12.62
CA THR A 180 11.51 1.95 -13.35
C THR A 180 11.81 0.48 -13.04
N ALA A 181 13.06 0.06 -13.30
CA ALA A 181 13.50 -1.31 -13.01
C ALA A 181 13.11 -1.79 -11.60
N GLU A 182 13.39 -0.94 -10.61
CA GLU A 182 13.08 -1.24 -9.25
C GLU A 182 11.59 -1.45 -9.10
N VAL A 183 10.80 -0.52 -9.66
CA VAL A 183 9.33 -0.69 -9.66
C VAL A 183 8.95 -2.03 -10.31
N VAL A 184 9.50 -2.31 -11.47
CA VAL A 184 9.12 -3.53 -12.14
C VAL A 184 9.38 -4.73 -11.24
N LEU A 185 10.55 -4.73 -10.60
CA LEU A 185 10.86 -5.82 -9.72
C LEU A 185 9.88 -5.89 -8.58
N ALA A 186 9.58 -4.75 -7.99
CA ALA A 186 8.70 -4.81 -6.87
C ALA A 186 7.35 -5.32 -7.34
N LEU A 187 6.98 -4.97 -8.57
CA LEU A 187 5.63 -5.31 -8.96
C LEU A 187 5.56 -6.76 -9.18
N ASP A 188 6.55 -7.27 -9.90
CA ASP A 188 6.58 -8.68 -10.15
C ASP A 188 6.60 -9.55 -8.88
N ALA A 189 7.23 -9.04 -7.84
CA ALA A 189 7.13 -9.59 -6.51
C ALA A 189 5.67 -9.84 -6.11
N ILE A 190 4.94 -8.72 -6.05
CA ILE A 190 3.54 -8.71 -5.65
C ILE A 190 2.77 -9.65 -6.55
N HIS A 191 3.05 -9.58 -7.85
CA HIS A 191 2.29 -10.36 -8.79
C HIS A 191 2.50 -11.79 -8.45
N SER A 192 3.76 -12.18 -8.36
CA SER A 192 4.05 -13.58 -8.28
C SER A 192 3.63 -14.08 -6.91
N MET A 193 3.21 -13.17 -6.04
CA MET A 193 2.45 -13.55 -4.86
C MET A 193 0.96 -13.70 -5.11
N GLY A 194 0.54 -13.89 -6.35
CA GLY A 194 -0.88 -13.98 -6.69
C GLY A 194 -1.68 -12.66 -6.61
N LEU A 195 -1.00 -11.50 -6.54
CA LEU A 195 -1.73 -10.23 -6.42
C LEU A 195 -1.57 -9.19 -7.52
N ILE A 196 -2.64 -8.45 -7.80
CA ILE A 196 -2.55 -7.28 -8.66
C ILE A 196 -2.57 -6.03 -7.80
N HIS A 197 -1.69 -5.09 -8.08
CA HIS A 197 -1.52 -3.99 -7.18
C HIS A 197 -2.61 -2.96 -7.35
N ARG A 198 -2.79 -2.57 -8.62
CA ARG A 198 -3.86 -1.68 -9.02
C ARG A 198 -3.73 -0.25 -8.56
N ASP A 199 -2.68 0.12 -7.85
CA ASP A 199 -2.55 1.51 -7.49
C ASP A 199 -1.10 2.00 -7.51
N VAL A 200 -0.44 1.69 -8.61
CA VAL A 200 0.92 2.13 -8.89
C VAL A 200 1.01 3.66 -9.11
N LYS A 201 1.40 4.41 -8.10
CA LYS A 201 1.65 5.86 -8.23
C LYS A 201 2.87 6.27 -7.41
N PRO A 202 3.62 7.28 -7.87
CA PRO A 202 4.84 7.74 -7.19
C PRO A 202 4.65 7.95 -5.69
N ASP A 203 3.42 8.17 -5.27
CA ASP A 203 3.08 8.41 -3.89
C ASP A 203 3.10 7.15 -3.13
N ASN A 204 3.16 6.03 -3.84
CA ASN A 204 3.15 4.76 -3.17
C ASN A 204 4.50 4.10 -3.20
N MET A 205 5.45 4.83 -3.75
CA MET A 205 6.78 4.33 -3.88
C MET A 205 7.63 5.16 -2.97
N LEU A 206 8.18 4.50 -1.94
CA LEU A 206 9.12 5.19 -1.06
C LEU A 206 10.54 4.70 -1.19
N LEU A 207 11.44 5.53 -0.70
CA LEU A 207 12.88 5.26 -0.67
C LEU A 207 13.36 5.05 0.76
N ASP A 208 14.14 3.98 0.93
CA ASP A 208 14.80 3.67 2.20
C ASP A 208 15.99 4.58 2.48
N LYS A 209 16.65 4.33 3.61
CA LYS A 209 17.92 4.99 4.00
C LYS A 209 19.00 5.06 2.89
N HIS A 210 19.12 4.02 2.08
CA HIS A 210 20.15 4.07 1.05
C HIS A 210 19.66 4.64 -0.26
N GLY A 211 18.40 5.07 -0.30
CA GLY A 211 17.80 5.61 -1.52
C GLY A 211 17.30 4.57 -2.51
N HIS A 212 17.05 3.36 -2.03
CA HIS A 212 16.38 2.36 -2.84
C HIS A 212 14.89 2.29 -2.55
N LEU A 213 14.16 1.75 -3.50
CA LEU A 213 12.73 1.82 -3.50
C LEU A 213 12.02 0.66 -2.81
N LYS A 214 10.90 0.96 -2.17
CA LYS A 214 9.94 -0.06 -1.79
C LYS A 214 8.55 0.44 -2.11
N LEU A 215 7.62 -0.49 -2.26
CA LEU A 215 6.20 -0.16 -2.33
C LEU A 215 5.58 -0.13 -0.97
N ALA A 216 4.88 0.96 -0.65
CA ALA A 216 4.39 1.22 0.68
C ALA A 216 2.86 1.21 0.92
N ASP A 217 2.06 1.16 -0.13
CA ASP A 217 0.60 1.06 0.07
C ASP A 217 0.11 -0.18 -0.63
N PHE A 218 -0.95 -0.79 -0.13
CA PHE A 218 -1.48 -2.02 -0.76
C PHE A 218 -3.00 -2.11 -0.71
N GLY A 219 -3.62 -1.15 -0.02
CA GLY A 219 -5.06 -1.11 0.13
C GLY A 219 -5.89 -1.50 -1.09
N THR A 220 -5.30 -1.67 -2.27
CA THR A 220 -6.14 -2.02 -3.41
C THR A 220 -5.76 -3.30 -4.15
N CYS A 221 -4.99 -4.17 -3.53
CA CYS A 221 -4.50 -5.35 -4.23
C CYS A 221 -5.53 -6.42 -4.24
N MET A 222 -5.34 -7.45 -5.04
CA MET A 222 -6.40 -8.40 -5.25
C MET A 222 -5.91 -9.74 -5.77
N LYS A 223 -6.38 -10.84 -5.19
CA LYS A 223 -5.87 -12.17 -5.56
C LYS A 223 -6.33 -12.43 -6.94
N MET A 224 -5.52 -13.07 -7.75
CA MET A 224 -5.92 -13.32 -9.13
C MET A 224 -6.66 -14.63 -9.29
N ASP A 225 -7.35 -14.80 -10.41
CA ASP A 225 -7.79 -16.10 -10.89
C ASP A 225 -6.69 -17.09 -10.93
N GLU A 226 -7.10 -18.35 -10.91
CA GLU A 226 -6.26 -19.43 -11.38
C GLU A 226 -5.87 -19.16 -12.81
N THR A 227 -6.54 -18.19 -13.44
CA THR A 227 -6.18 -17.78 -14.80
C THR A 227 -5.31 -16.52 -14.83
N GLY A 228 -5.10 -15.93 -13.66
CA GLY A 228 -4.34 -14.70 -13.56
C GLY A 228 -5.16 -13.43 -13.70
N MET A 229 -6.50 -13.58 -13.77
CA MET A 229 -7.43 -12.46 -13.94
C MET A 229 -8.19 -12.05 -12.70
N VAL A 230 -8.76 -10.86 -12.69
CA VAL A 230 -9.72 -10.51 -11.65
C VAL A 230 -11.05 -10.00 -12.23
N HIS A 231 -12.13 -10.28 -11.51
CA HIS A 231 -13.44 -9.78 -11.86
C HIS A 231 -13.73 -8.60 -10.99
N CYS A 232 -14.00 -7.45 -11.61
CA CYS A 232 -14.23 -6.23 -10.85
C CYS A 232 -15.16 -5.17 -11.47
N ASP A 233 -15.79 -4.38 -10.59
CA ASP A 233 -16.86 -3.48 -10.99
C ASP A 233 -16.66 -2.13 -10.39
N THR A 234 -15.57 -1.96 -9.69
CA THR A 234 -15.22 -0.65 -9.23
C THR A 234 -13.88 -0.24 -9.82
N ALA A 235 -13.77 1.04 -10.18
CA ALA A 235 -12.50 1.59 -10.58
C ALA A 235 -11.78 2.00 -9.29
N VAL A 236 -10.45 1.87 -9.30
CA VAL A 236 -9.64 2.17 -8.14
C VAL A 236 -8.32 2.78 -8.60
N GLY A 237 -7.80 3.73 -7.84
CA GLY A 237 -6.50 4.29 -8.15
C GLY A 237 -6.50 5.79 -8.27
N THR A 238 -5.41 6.35 -8.75
CA THR A 238 -5.40 7.77 -8.94
C THR A 238 -5.76 8.08 -10.37
N PRO A 239 -6.76 8.97 -10.56
CA PRO A 239 -7.22 9.37 -11.87
C PRO A 239 -6.06 9.36 -12.89
N ASP A 240 -5.05 10.17 -12.68
CA ASP A 240 -3.95 10.22 -13.59
C ASP A 240 -3.31 8.91 -14.06
N TYR A 241 -3.55 7.82 -13.36
CA TYR A 241 -2.73 6.61 -13.54
C TYR A 241 -3.51 5.40 -13.88
N ILE A 242 -4.84 5.50 -13.80
CA ILE A 242 -5.69 4.37 -14.05
C ILE A 242 -5.59 3.83 -15.45
N SER A 243 -5.77 2.54 -15.60
CA SER A 243 -5.77 1.92 -16.91
C SER A 243 -7.18 1.98 -17.44
N PRO A 244 -7.30 1.98 -18.77
CA PRO A 244 -8.57 1.92 -19.48
C PRO A 244 -9.47 0.80 -18.97
N GLU A 245 -8.90 -0.37 -18.79
CA GLU A 245 -9.70 -1.50 -18.40
C GLU A 245 -10.34 -1.29 -17.02
N VAL A 246 -9.62 -0.61 -16.15
CA VAL A 246 -10.08 -0.42 -14.79
C VAL A 246 -11.08 0.70 -14.78
N LEU A 247 -10.81 1.68 -15.63
CA LEU A 247 -11.69 2.79 -15.79
C LEU A 247 -13.03 2.22 -16.27
N LYS A 248 -12.97 1.30 -17.23
CA LYS A 248 -14.18 0.71 -17.76
C LYS A 248 -14.91 -0.21 -16.76
N SER A 249 -14.13 -0.84 -15.89
CA SER A 249 -14.66 -1.81 -14.97
C SER A 249 -15.73 -1.13 -14.15
N GLN A 250 -15.64 0.19 -14.10
CA GLN A 250 -16.59 0.99 -13.36
C GLN A 250 -18.02 0.81 -13.84
N GLY A 251 -18.15 0.32 -15.07
CA GLY A 251 -19.44 0.15 -15.65
C GLY A 251 -19.97 -1.24 -15.44
N GLY A 252 -19.50 -1.98 -14.43
CA GLY A 252 -19.85 -3.40 -14.30
C GLY A 252 -19.16 -4.25 -15.35
N ASP A 253 -19.12 -5.57 -15.14
CA ASP A 253 -18.38 -6.54 -16.03
C ASP A 253 -16.90 -6.24 -16.31
N GLY A 254 -16.15 -5.83 -15.29
CA GLY A 254 -14.72 -5.64 -15.43
C GLY A 254 -14.02 -6.98 -15.31
N TYR A 255 -13.19 -7.28 -16.32
CA TYR A 255 -12.36 -8.47 -16.29
C TYR A 255 -10.95 -8.21 -16.82
N TYR A 256 -9.94 -8.20 -15.94
CA TYR A 256 -8.57 -7.91 -16.36
C TYR A 256 -7.47 -8.52 -15.49
N GLY A 257 -6.27 -8.52 -16.05
CA GLY A 257 -5.11 -9.10 -15.41
C GLY A 257 -4.10 -8.07 -14.91
N ARG A 258 -2.87 -8.54 -14.72
CA ARG A 258 -1.84 -7.78 -14.02
C ARG A 258 -1.37 -6.64 -14.91
N GLU A 259 -1.48 -6.82 -16.23
CA GLU A 259 -0.93 -5.88 -17.19
C GLU A 259 -1.47 -4.46 -17.00
N CYS A 260 -2.54 -4.32 -16.21
CA CYS A 260 -3.00 -3.00 -15.80
C CYS A 260 -2.00 -2.27 -14.89
N ASP A 261 -1.18 -3.02 -14.15
CA ASP A 261 -0.14 -2.44 -13.34
C ASP A 261 0.99 -1.92 -14.23
N TRP A 262 1.25 -2.62 -15.33
CA TRP A 262 2.22 -2.14 -16.30
C TRP A 262 1.79 -0.86 -17.02
N TRP A 263 0.49 -0.64 -17.11
CA TRP A 263 -0.01 0.58 -17.69
C TRP A 263 0.54 1.68 -16.84
N SER A 264 0.34 1.57 -15.53
CA SER A 264 0.63 2.69 -14.66
C SER A 264 2.11 2.98 -14.66
N VAL A 265 2.89 1.92 -14.86
CA VAL A 265 4.32 2.06 -14.92
C VAL A 265 4.66 3.04 -16.03
N GLY A 266 4.07 2.77 -17.21
CA GLY A 266 4.21 3.66 -18.36
C GLY A 266 3.97 5.10 -17.98
N VAL A 267 2.79 5.39 -17.45
CA VAL A 267 2.52 6.73 -16.97
C VAL A 267 3.69 7.23 -16.14
N PHE A 268 4.06 6.43 -15.16
CA PHE A 268 5.09 6.81 -14.23
C PHE A 268 6.37 7.23 -14.95
N LEU A 269 6.79 6.40 -15.89
CA LEU A 269 7.97 6.69 -16.66
C LEU A 269 7.82 8.04 -17.34
N PHE A 270 6.76 8.17 -18.13
CA PHE A 270 6.45 9.40 -18.79
C PHE A 270 6.50 10.60 -17.86
N GLU A 271 5.86 10.47 -16.72
CA GLU A 271 5.85 11.56 -15.80
C GLU A 271 7.24 11.84 -15.34
N MET A 272 8.01 10.79 -15.15
CA MET A 272 9.37 11.00 -14.70
C MET A 272 10.26 11.64 -15.77
N LEU A 273 10.02 11.30 -17.03
CA LEU A 273 10.88 11.80 -18.07
C LEU A 273 10.46 13.17 -18.54
N VAL A 274 9.16 13.43 -18.51
CA VAL A 274 8.60 14.63 -19.12
C VAL A 274 8.23 15.65 -18.07
N GLY A 275 8.06 15.20 -16.82
CA GLY A 275 7.74 16.13 -15.72
C GLY A 275 6.29 16.56 -15.75
N ASP A 276 5.48 15.87 -16.52
CA ASP A 276 4.04 16.00 -16.49
C ASP A 276 3.47 14.63 -16.76
N THR A 277 2.22 14.42 -16.37
CA THR A 277 1.56 13.14 -16.61
C THR A 277 0.91 13.21 -17.95
N PRO A 278 0.93 12.09 -18.66
CA PRO A 278 0.60 12.05 -20.06
C PRO A 278 -0.85 12.33 -20.38
N PHE A 279 -1.73 12.39 -19.39
CA PHE A 279 -3.16 12.56 -19.65
C PHE A 279 -3.74 13.64 -18.78
N TYR A 280 -2.90 14.60 -18.45
CA TYR A 280 -3.34 15.71 -17.68
C TYR A 280 -4.54 16.44 -18.32
N ALA A 281 -5.55 16.75 -17.51
CA ALA A 281 -6.59 17.70 -17.86
C ALA A 281 -7.04 18.45 -16.59
N ASP A 282 -8.02 19.33 -16.73
CA ASP A 282 -8.52 20.10 -15.57
C ASP A 282 -9.64 19.36 -14.84
N SER A 283 -10.50 18.72 -15.64
CA SER A 283 -11.52 17.84 -15.12
C SER A 283 -10.87 16.47 -14.88
N LEU A 284 -11.54 15.58 -14.13
CA LEU A 284 -11.06 14.21 -14.05
C LEU A 284 -11.52 13.50 -15.30
N VAL A 285 -12.68 13.93 -15.78
CA VAL A 285 -13.28 13.31 -16.97
C VAL A 285 -12.42 13.62 -18.19
N GLY A 286 -11.99 14.87 -18.29
CA GLY A 286 -10.99 15.26 -19.29
C GLY A 286 -9.88 14.22 -19.29
N THR A 287 -9.27 14.05 -18.11
CA THR A 287 -8.32 12.98 -17.88
C THR A 287 -8.84 11.63 -18.41
N TYR A 288 -9.96 11.15 -17.85
CA TYR A 288 -10.55 9.90 -18.32
C TYR A 288 -10.73 9.86 -19.83
N SER A 289 -11.27 10.98 -20.35
CA SER A 289 -11.49 11.10 -21.77
C SER A 289 -10.18 10.71 -22.42
N LYS A 290 -9.14 11.46 -22.09
CA LYS A 290 -7.83 11.24 -22.67
C LYS A 290 -7.30 9.83 -22.49
N ILE A 291 -7.54 9.25 -21.33
CA ILE A 291 -7.06 7.91 -21.11
C ILE A 291 -7.73 6.95 -22.08
N MET A 292 -9.04 7.06 -22.24
CA MET A 292 -9.70 6.17 -23.15
C MET A 292 -9.20 6.55 -24.53
N ASP A 293 -9.00 7.81 -24.78
CA ASP A 293 -8.58 8.22 -26.11
C ASP A 293 -7.08 8.09 -26.35
N HIS A 294 -6.44 7.18 -25.63
CA HIS A 294 -4.99 7.22 -25.53
C HIS A 294 -4.32 7.22 -26.88
N LYS A 295 -4.77 6.30 -27.77
CA LYS A 295 -4.32 6.22 -29.16
C LYS A 295 -4.12 7.53 -29.89
N ASN A 296 -4.88 8.56 -29.51
CA ASN A 296 -4.71 9.90 -30.06
C ASN A 296 -4.28 10.90 -29.03
N SER A 297 -4.66 10.68 -27.78
CA SER A 297 -4.36 11.68 -26.77
C SER A 297 -2.89 11.70 -26.37
N LEU A 298 -2.15 10.62 -26.58
CA LEU A 298 -0.80 10.57 -26.03
C LEU A 298 0.24 11.19 -26.92
N CYS A 299 1.10 12.04 -26.36
CA CYS A 299 2.34 12.36 -27.07
C CYS A 299 3.36 13.25 -26.33
N PHE A 300 4.54 13.42 -26.94
CA PHE A 300 5.63 14.02 -26.23
C PHE A 300 5.93 15.45 -26.63
N PRO A 301 5.97 16.34 -25.66
CA PRO A 301 6.39 17.70 -25.96
C PRO A 301 7.74 17.73 -26.70
N GLU A 302 7.87 18.62 -27.69
CA GLU A 302 9.03 18.64 -28.57
C GLU A 302 10.30 19.10 -27.91
N ASP A 303 10.15 19.69 -26.73
CA ASP A 303 11.27 20.16 -25.94
C ASP A 303 11.68 19.12 -24.89
N ALA A 304 10.84 18.11 -24.72
CA ALA A 304 11.20 17.01 -23.85
C ALA A 304 12.39 16.27 -24.49
N GLU A 305 13.41 15.93 -23.70
CA GLU A 305 14.61 15.27 -24.22
C GLU A 305 14.56 13.82 -23.86
N ILE A 306 14.10 13.00 -24.76
CA ILE A 306 13.92 11.60 -24.47
C ILE A 306 14.58 10.75 -25.52
N SER A 307 15.07 9.58 -25.14
CA SER A 307 15.50 8.66 -26.18
C SER A 307 14.32 8.02 -26.92
N LYS A 308 14.61 7.56 -28.13
CA LYS A 308 13.68 6.78 -28.88
C LYS A 308 13.26 5.51 -28.08
N HIS A 309 14.23 4.86 -27.45
CA HIS A 309 13.90 3.69 -26.66
C HIS A 309 12.98 4.02 -25.52
N ALA A 310 13.21 5.17 -24.90
CA ALA A 310 12.41 5.56 -23.80
C ALA A 310 11.03 5.85 -24.32
N LYS A 311 10.94 6.35 -25.55
CA LYS A 311 9.62 6.48 -26.13
C LYS A 311 8.95 5.14 -26.49
N ASN A 312 9.68 4.18 -27.08
CA ASN A 312 9.01 2.93 -27.44
C ASN A 312 8.41 2.31 -26.24
N LEU A 313 9.19 2.27 -25.16
CA LEU A 313 8.78 1.59 -23.99
C LEU A 313 7.56 2.26 -23.42
N ILE A 314 7.58 3.58 -23.28
CA ILE A 314 6.40 4.22 -22.80
C ILE A 314 5.23 3.85 -23.69
N CYS A 315 5.43 3.82 -25.00
CA CYS A 315 4.32 3.58 -25.86
C CYS A 315 3.88 2.16 -25.81
N ALA A 316 4.83 1.26 -25.57
CA ALA A 316 4.55 -0.16 -25.49
C ALA A 316 3.67 -0.49 -24.30
N PHE A 317 3.69 0.42 -23.33
CA PHE A 317 2.94 0.27 -22.11
C PHE A 317 1.58 0.93 -22.22
N LEU A 318 1.54 2.10 -22.82
CA LEU A 318 0.32 2.84 -22.92
C LEU A 318 -0.43 2.44 -24.16
N THR A 319 -1.14 1.34 -24.05
CA THR A 319 -2.02 0.75 -25.10
C THR A 319 -2.90 -0.25 -24.41
N ASP A 320 -3.69 -0.95 -25.22
CA ASP A 320 -4.81 -1.69 -24.68
C ASP A 320 -4.24 -2.99 -24.27
N ARG A 321 -4.72 -3.49 -23.15
CA ARG A 321 -4.23 -4.75 -22.61
C ARG A 321 -3.90 -5.79 -23.69
N GLU A 322 -4.75 -5.88 -24.70
CA GLU A 322 -4.65 -6.91 -25.72
C GLU A 322 -3.30 -6.85 -26.39
N VAL A 323 -2.74 -5.66 -26.54
CA VAL A 323 -1.39 -5.53 -27.13
C VAL A 323 -0.21 -5.08 -26.20
N ARG A 324 -0.54 -4.68 -24.97
CA ARG A 324 0.37 -4.00 -24.07
C ARG A 324 1.53 -4.89 -23.61
N LEU A 325 2.71 -4.31 -23.49
CA LEU A 325 3.89 -5.05 -23.06
C LEU A 325 3.76 -5.63 -21.63
N GLY A 326 4.04 -6.91 -21.50
CA GLY A 326 3.97 -7.57 -20.20
C GLY A 326 2.75 -8.44 -20.02
N ARG A 327 1.94 -8.53 -21.06
CA ARG A 327 0.85 -9.50 -21.10
C ARG A 327 1.49 -10.89 -21.27
N ASN A 328 2.74 -10.90 -21.75
CA ASN A 328 3.48 -12.15 -21.87
C ASN A 328 4.43 -12.29 -20.72
N GLY A 329 4.19 -11.56 -19.63
CA GLY A 329 5.04 -11.66 -18.46
C GLY A 329 6.23 -10.71 -18.52
N VAL A 330 6.92 -10.62 -17.40
CA VAL A 330 7.79 -9.53 -17.11
C VAL A 330 9.09 -9.57 -17.91
N GLU A 331 9.45 -10.77 -18.33
CA GLU A 331 10.67 -10.95 -19.06
C GLU A 331 10.80 -10.06 -20.32
N GLU A 332 9.71 -9.84 -21.06
CA GLU A 332 9.82 -9.03 -22.28
C GLU A 332 10.01 -7.57 -21.89
N ILE A 333 9.42 -7.17 -20.77
CA ILE A 333 9.72 -5.90 -20.20
C ILE A 333 11.22 -5.85 -19.89
N LYS A 334 11.68 -6.78 -19.06
CA LYS A 334 13.07 -6.79 -18.62
C LYS A 334 14.07 -6.65 -19.75
N GLN A 335 13.61 -7.02 -20.93
CA GLN A 335 14.42 -7.20 -22.11
C GLN A 335 14.39 -5.99 -23.04
N HIS A 336 13.55 -5.02 -22.74
CA HIS A 336 13.45 -3.83 -23.59
C HIS A 336 14.80 -3.15 -23.61
N PRO A 337 15.22 -2.66 -24.80
CA PRO A 337 16.46 -1.94 -24.99
C PRO A 337 16.63 -0.83 -23.98
N PHE A 338 15.60 -0.02 -23.74
CA PHE A 338 15.70 1.07 -22.76
C PHE A 338 16.50 0.70 -21.51
N PHE A 339 16.39 -0.55 -21.09
CA PHE A 339 17.05 -0.94 -19.88
C PHE A 339 18.53 -1.24 -19.97
N LYS A 340 19.03 -1.52 -21.16
CA LYS A 340 20.45 -1.74 -21.35
C LYS A 340 21.19 -0.60 -20.64
N ASN A 341 22.15 -0.96 -19.80
CA ASN A 341 22.83 0.03 -19.01
C ASN A 341 24.11 -0.58 -18.43
N ASP A 342 24.84 0.22 -17.68
CA ASP A 342 26.09 -0.28 -17.14
C ASP A 342 26.24 -0.45 -15.65
N GLN A 343 25.29 0.03 -14.86
CA GLN A 343 25.49 0.03 -13.45
C GLN A 343 24.94 -1.21 -12.79
N TRP A 344 24.02 -1.89 -13.46
CA TRP A 344 23.34 -2.99 -12.80
C TRP A 344 22.74 -3.93 -13.81
N ASN A 345 22.33 -5.09 -13.32
CA ASN A 345 21.57 -5.99 -14.13
C ASN A 345 20.38 -6.34 -13.30
N TRP A 346 19.56 -7.25 -13.81
CA TRP A 346 18.28 -7.47 -13.20
C TRP A 346 18.35 -8.15 -11.84
N ASP A 347 19.55 -8.59 -11.46
CA ASP A 347 19.73 -9.44 -10.28
C ASP A 347 20.44 -8.76 -9.15
N ASN A 348 21.17 -7.72 -9.49
CA ASN A 348 22.00 -7.07 -8.50
C ASN A 348 21.51 -5.67 -8.17
N ILE A 349 20.52 -5.20 -8.89
CA ILE A 349 20.19 -3.77 -8.87
C ILE A 349 20.09 -3.16 -7.47
N ARG A 350 19.52 -3.91 -6.53
CA ARG A 350 19.22 -3.33 -5.23
C ARG A 350 20.45 -3.27 -4.36
N GLU A 351 21.53 -3.83 -4.91
CA GLU A 351 22.84 -3.80 -4.32
C GLU A 351 23.63 -2.70 -4.92
N THR A 352 23.28 -2.22 -6.10
CA THR A 352 24.09 -1.19 -6.74
C THR A 352 23.85 0.19 -6.11
N ALA A 353 24.57 1.19 -6.57
CA ALA A 353 24.45 2.52 -6.01
C ALA A 353 23.18 3.17 -6.52
N ALA A 354 22.31 3.52 -5.58
CA ALA A 354 21.13 4.34 -5.88
C ALA A 354 21.58 5.69 -6.44
N PRO A 355 20.84 6.23 -7.41
CA PRO A 355 21.21 7.49 -8.06
C PRO A 355 21.08 8.69 -7.14
N VAL A 356 20.22 8.64 -6.13
CA VAL A 356 20.11 9.75 -5.17
C VAL A 356 20.23 9.18 -3.79
N VAL A 357 21.28 9.60 -3.07
CA VAL A 357 21.59 9.01 -1.79
C VAL A 357 21.19 10.00 -0.74
N PRO A 358 20.33 9.56 0.19
CA PRO A 358 19.92 10.43 1.28
C PRO A 358 21.08 10.70 2.25
N GLU A 359 21.16 11.92 2.76
CA GLU A 359 22.12 12.28 3.81
C GLU A 359 21.38 12.66 5.10
N LEU A 360 21.25 11.69 6.00
CA LEU A 360 20.40 11.85 7.16
C LEU A 360 21.17 11.99 8.47
N SER A 361 21.12 13.18 9.06
CA SER A 361 21.93 13.53 10.22
C SER A 361 21.47 12.93 11.54
N SER A 362 20.24 12.42 11.60
CA SER A 362 19.86 11.71 12.80
C SER A 362 18.92 10.65 12.42
N ASP A 363 18.52 9.84 13.40
CA ASP A 363 17.60 8.76 13.11
C ASP A 363 16.17 9.29 13.05
N ILE A 364 16.00 10.57 13.33
CA ILE A 364 14.71 11.26 13.10
C ILE A 364 14.79 12.43 12.13
N ASP A 365 15.84 12.48 11.31
CA ASP A 365 15.92 13.47 10.26
C ASP A 365 14.77 13.16 9.28
N SER A 366 13.84 14.11 9.14
CA SER A 366 12.71 13.92 8.23
C SER A 366 12.70 14.98 7.12
N SER A 367 13.90 15.38 6.70
CA SER A 367 14.08 16.39 5.66
C SER A 367 13.44 16.05 4.29
N ASN A 368 13.17 14.79 4.01
CA ASN A 368 12.60 14.42 2.72
C ASN A 368 11.09 14.45 2.66
N PHE A 369 10.50 14.92 3.75
CA PHE A 369 9.08 15.01 3.82
C PHE A 369 8.75 16.46 4.09
N ASP A 370 7.52 16.84 3.78
CA ASP A 370 7.07 18.20 4.04
C ASP A 370 6.36 18.33 5.35
N ASP A 371 6.41 19.53 5.90
CA ASP A 371 5.67 19.82 7.12
C ASP A 371 4.24 19.61 6.77
N ILE A 372 3.46 19.22 7.77
CA ILE A 372 2.06 18.93 7.52
C ILE A 372 1.15 19.95 8.23
N GLU A 373 -0.04 20.21 7.65
CA GLU A 373 -1.18 20.86 8.34
C GLU A 373 -2.57 20.27 8.07
N ILE A 384 -23.35 5.80 19.98
CA ILE A 384 -24.13 4.75 20.58
C ILE A 384 -24.95 4.08 19.47
N PRO A 385 -25.25 2.77 19.59
CA PRO A 385 -26.26 2.13 18.75
C PRO A 385 -27.54 1.65 19.47
N LYS A 386 -28.52 1.23 18.68
CA LYS A 386 -29.80 0.75 19.20
C LYS A 386 -29.80 -0.78 19.14
N ALA A 387 -29.93 -1.33 17.94
CA ALA A 387 -29.67 -2.75 17.71
C ALA A 387 -28.23 -3.11 18.19
N PHE A 388 -27.91 -4.40 18.28
CA PHE A 388 -26.51 -4.77 18.31
C PHE A 388 -26.02 -4.64 16.89
N VAL A 389 -25.20 -3.62 16.68
CA VAL A 389 -24.75 -3.24 15.34
C VAL A 389 -23.53 -4.07 14.91
N GLY A 390 -22.46 -4.04 15.72
CA GLY A 390 -21.35 -4.97 15.60
C GLY A 390 -20.20 -4.47 14.76
N ASN A 391 -19.86 -3.21 14.95
CA ASN A 391 -18.91 -2.54 14.07
C ASN A 391 -17.46 -2.98 14.13
N GLN A 392 -17.09 -3.58 15.25
CA GLN A 392 -15.73 -3.98 15.42
C GLN A 392 -15.44 -5.29 14.72
N LEU A 393 -16.48 -6.03 14.38
CA LEU A 393 -16.30 -7.30 13.72
C LEU A 393 -15.24 -7.36 12.63
N PRO A 394 -15.31 -6.43 11.67
CA PRO A 394 -14.37 -6.44 10.56
C PRO A 394 -12.91 -6.16 10.96
N PHE A 395 -12.69 -5.61 12.16
CA PHE A 395 -11.34 -5.32 12.65
C PHE A 395 -10.72 -6.44 13.47
N ILE A 396 -11.51 -7.46 13.75
CA ILE A 396 -11.03 -8.59 14.50
C ILE A 396 -9.97 -9.29 13.68
N GLY A 397 -8.85 -9.62 14.35
CA GLY A 397 -7.76 -10.38 13.75
C GLY A 397 -6.83 -9.43 13.05
N PHE A 398 -6.97 -8.15 13.32
CA PHE A 398 -6.09 -7.20 12.70
C PHE A 398 -4.83 -7.06 13.53
N THR A 399 -5.00 -6.98 14.85
CA THR A 399 -3.85 -6.83 15.74
C THR A 399 -2.87 -7.91 15.35
N TYR A 400 -1.61 -7.54 15.21
CA TYR A 400 -0.57 -8.48 14.81
C TYR A 400 0.73 -8.18 15.50
N TYR A 401 1.33 -9.24 16.00
CA TYR A 401 2.49 -9.11 16.85
C TYR A 401 3.77 -9.88 16.36
N ARG A 402 4.92 -9.21 16.52
CA ARG A 402 6.28 -9.67 16.16
C ARG A 402 6.58 -9.54 14.65
#